data_1ZDL
#
_entry.id   1ZDL
#
_cell.length_a   109.070
_cell.length_b   109.070
_cell.length_c   204.670
_cell.angle_alpha   90.00
_cell.angle_beta   90.00
_cell.angle_gamma   90.00
#
_symmetry.space_group_name_H-M   'I 41 2 2'
#
loop_
_entity.id
_entity.type
_entity.pdbx_description
1 polymer 'Thioredoxin reductase 2, mitochondrial'
2 non-polymer 'FLAVIN-ADENINE DINUCLEOTIDE'
3 non-polymer 'NADPH DIHYDRO-NICOTINAMIDE-ADENINE-DINUCLEOTIDE PHOSPHATE'
4 water water
#
_entity_poly.entity_id   1
_entity_poly.type   'polypeptide(L)'
_entity_poly.pdbx_seq_one_letter_code
;MGSSHHHHHHSSGLVPRGSHMASASAAGGQQSFDLLVIGGGSGGLACAKEAAQLGKKVAVADYVEPSPRGTKWGLGGTCV
NVGCIPKKLMHQAALLGGMIRDAHHYGWEVAQPVQHNWKTMAEAVQNHVKSLNWGHRVQLQDRKVKYFNIKASFVDEHTV
RGVDKGGKATLLSAEHIVIATGGRPRYPTQVKGALEYGITSDDIFWLKESPGKTLVVGASYVALECAGFLTGIGLDTTVM
MRSIPLRGFDQQMSSLVTEHMESHGTQFLKGCVPSHIKKLPTNQLQVTWEDHASGKEDTGTFDTVLWAIGRVPETRTLNL
EKAGISTNPKNQKIIVDAQEATSVPHIYAIGDVAEGRPELTPTAIKAGKLLAQRLFGKSSTLMDYSNVPTTVFTPLEYGC
VGLSEEEAVALHGQEHVEVYHAYYKPLEFTVADRDASQCYIKMVCMREPPQLVLGLHFLGPNAGEVTQGFALGIKCGASY
AQVMQTVGIHPTCSEEVVKLHISKRSGLEPTVTGCCG
;
_entity_poly.pdbx_strand_id   A
#
# COMPACT_ATOMS: atom_id res chain seq x y z
N GLN A 31 -16.88 8.30 -29.56
CA GLN A 31 -18.10 7.59 -30.05
C GLN A 31 -18.54 6.47 -29.10
N SER A 32 -19.22 5.45 -29.66
CA SER A 32 -19.71 4.34 -28.84
C SER A 32 -18.82 3.10 -28.81
N PHE A 33 -18.80 2.45 -27.65
CA PHE A 33 -18.01 1.24 -27.39
C PHE A 33 -18.86 0.28 -26.55
N ASP A 34 -18.60 -1.03 -26.63
CA ASP A 34 -19.37 -1.98 -25.83
C ASP A 34 -18.80 -2.17 -24.43
N LEU A 35 -17.79 -1.36 -24.09
CA LEU A 35 -17.17 -1.39 -22.77
C LEU A 35 -16.36 -0.13 -22.48
N LEU A 36 -16.81 0.64 -21.50
CA LEU A 36 -16.11 1.86 -21.10
C LEU A 36 -15.52 1.68 -19.72
N VAL A 37 -14.24 2.06 -19.59
CA VAL A 37 -13.55 1.97 -18.32
C VAL A 37 -13.08 3.35 -17.86
N ILE A 38 -13.41 3.68 -16.62
CA ILE A 38 -13.05 4.97 -16.04
C ILE A 38 -11.91 4.79 -15.04
N GLY A 39 -10.72 5.23 -15.44
CA GLY A 39 -9.55 5.11 -14.59
C GLY A 39 -8.54 4.17 -15.20
N GLY A 40 -7.53 4.74 -15.84
CA GLY A 40 -6.48 3.93 -16.46
C GLY A 40 -5.56 3.46 -15.35
N GLY A 41 -6.15 2.78 -14.38
CA GLY A 41 -5.39 2.29 -13.24
C GLY A 41 -5.21 0.79 -13.16
N SER A 42 -4.37 0.38 -12.21
CA SER A 42 -4.04 -1.01 -11.98
C SER A 42 -5.24 -1.93 -12.14
N GLY A 43 -6.38 -1.49 -11.62
CA GLY A 43 -7.60 -2.28 -11.72
C GLY A 43 -8.29 -2.07 -13.05
N GLY A 44 -8.58 -0.82 -13.36
CA GLY A 44 -9.23 -0.50 -14.62
C GLY A 44 -8.55 -1.14 -15.82
N LEU A 45 -7.30 -0.77 -16.08
CA LEU A 45 -6.53 -1.33 -17.20
C LEU A 45 -6.64 -2.86 -17.32
N ALA A 46 -6.57 -3.55 -16.18
CA ALA A 46 -6.66 -5.00 -16.14
C ALA A 46 -7.96 -5.42 -16.79
N CYS A 47 -9.06 -4.90 -16.26
CA CYS A 47 -10.39 -5.19 -16.80
C CYS A 47 -10.41 -4.86 -18.28
N ALA A 48 -9.90 -3.67 -18.62
CA ALA A 48 -9.84 -3.19 -20.00
C ALA A 48 -9.13 -4.15 -20.94
N LYS A 49 -7.85 -4.38 -20.71
CA LYS A 49 -7.07 -5.26 -21.57
C LYS A 49 -7.61 -6.68 -21.63
N GLU A 50 -8.09 -7.20 -20.51
CA GLU A 50 -8.62 -8.57 -20.45
C GLU A 50 -9.97 -8.65 -21.15
N ALA A 51 -10.73 -7.56 -21.07
CA ALA A 51 -12.04 -7.52 -21.70
C ALA A 51 -11.90 -7.41 -23.22
N ALA A 52 -10.81 -6.80 -23.67
CA ALA A 52 -10.55 -6.65 -25.10
C ALA A 52 -10.02 -7.98 -25.65
N GLN A 53 -9.20 -8.66 -24.85
CA GLN A 53 -8.65 -9.96 -25.22
C GLN A 53 -9.81 -10.95 -25.44
N LEU A 54 -10.97 -10.64 -24.87
CA LEU A 54 -12.15 -11.48 -25.02
C LEU A 54 -12.83 -11.08 -26.33
N GLY A 55 -12.17 -10.17 -27.05
CA GLY A 55 -12.66 -9.71 -28.34
C GLY A 55 -13.69 -8.59 -28.31
N LYS A 56 -13.74 -7.83 -27.23
CA LYS A 56 -14.73 -6.76 -27.15
C LYS A 56 -14.16 -5.37 -27.38
N LYS A 57 -15.01 -4.49 -27.92
CA LYS A 57 -14.64 -3.12 -28.24
C LYS A 57 -14.46 -2.29 -26.96
N VAL A 58 -13.28 -2.40 -26.37
CA VAL A 58 -12.98 -1.70 -25.13
C VAL A 58 -12.37 -0.32 -25.30
N ALA A 59 -12.64 0.54 -24.34
CA ALA A 59 -12.13 1.90 -24.34
C ALA A 59 -12.07 2.42 -22.93
N VAL A 60 -10.98 3.09 -22.59
CA VAL A 60 -10.77 3.62 -21.26
C VAL A 60 -10.40 5.09 -21.25
N ALA A 61 -10.90 5.80 -20.23
CA ALA A 61 -10.62 7.22 -20.08
C ALA A 61 -10.01 7.45 -18.71
N ASP A 62 -8.79 7.96 -18.68
CA ASP A 62 -8.07 8.22 -17.43
C ASP A 62 -7.59 9.68 -17.38
N TYR A 63 -7.76 10.34 -16.24
CA TYR A 63 -7.31 11.72 -16.12
C TYR A 63 -6.57 12.00 -14.80
N VAL A 64 -5.26 12.27 -14.92
CA VAL A 64 -4.42 12.54 -13.76
C VAL A 64 -4.52 13.96 -13.23
N GLU A 65 -5.65 14.29 -12.59
CA GLU A 65 -5.87 15.61 -12.02
C GLU A 65 -4.72 15.84 -11.06
N PRO A 66 -3.90 16.89 -11.31
CA PRO A 66 -2.73 17.23 -10.48
C PRO A 66 -2.93 17.28 -8.97
N SER A 67 -1.82 17.16 -8.26
CA SER A 67 -1.83 17.19 -6.81
C SER A 67 -1.89 18.65 -6.38
N PRO A 68 -2.45 18.93 -5.19
CA PRO A 68 -2.54 20.29 -4.68
C PRO A 68 -1.26 21.10 -4.86
N ARG A 69 -0.11 20.42 -4.87
CA ARG A 69 1.16 21.11 -5.05
C ARG A 69 1.57 21.13 -6.52
N GLY A 70 0.61 20.86 -7.39
CA GLY A 70 0.85 20.87 -8.83
C GLY A 70 1.75 19.77 -9.36
N THR A 71 1.45 18.52 -9.01
CA THR A 71 2.26 17.39 -9.48
C THR A 71 1.38 16.46 -10.32
N LYS A 72 1.88 16.10 -11.49
CA LYS A 72 1.15 15.25 -12.42
C LYS A 72 2.04 14.12 -12.93
N TRP A 73 1.39 13.04 -13.41
CA TRP A 73 2.08 11.88 -13.95
C TRP A 73 1.33 11.23 -15.12
N GLY A 74 1.93 10.18 -15.68
CA GLY A 74 1.32 9.47 -16.81
C GLY A 74 0.30 8.39 -16.51
N LEU A 75 -0.13 7.68 -17.56
CA LEU A 75 -1.12 6.61 -17.43
C LEU A 75 -0.60 5.51 -16.52
N GLY A 76 -1.49 4.87 -15.79
CA GLY A 76 -1.07 3.80 -14.91
C GLY A 76 -1.50 3.88 -13.45
N GLY A 77 -2.45 4.75 -13.15
CA GLY A 77 -2.93 4.89 -11.77
C GLY A 77 -1.90 5.08 -10.67
N THR A 78 -2.39 5.10 -9.43
CA THR A 78 -1.55 5.26 -8.25
C THR A 78 -0.37 4.31 -8.26
N CYS A 79 -0.68 3.02 -8.42
CA CYS A 79 0.33 1.97 -8.43
C CYS A 79 1.63 2.37 -9.09
N VAL A 80 1.60 2.43 -10.41
CA VAL A 80 2.77 2.76 -11.20
C VAL A 80 3.40 4.09 -10.83
N ASN A 81 2.60 5.13 -10.77
CA ASN A 81 3.09 6.47 -10.55
C ASN A 81 3.35 7.03 -9.14
N VAL A 82 2.47 6.73 -8.19
CA VAL A 82 2.71 7.28 -6.86
C VAL A 82 2.47 6.26 -5.77
N GLY A 83 3.19 5.14 -5.84
CA GLY A 83 3.00 4.11 -4.85
C GLY A 83 3.74 2.82 -5.03
N CYS A 84 2.98 1.73 -5.19
CA CYS A 84 3.51 0.38 -5.36
C CYS A 84 4.93 0.35 -5.89
N ILE A 85 5.11 0.84 -7.11
CA ILE A 85 6.40 0.82 -7.77
C ILE A 85 7.45 1.76 -7.21
N PRO A 86 7.19 3.08 -7.19
CA PRO A 86 8.19 4.01 -6.67
C PRO A 86 8.64 3.71 -5.23
N LYS A 87 7.67 3.61 -4.33
CA LYS A 87 7.96 3.32 -2.92
C LYS A 87 8.99 2.21 -2.84
N LYS A 88 8.56 1.01 -3.19
CA LYS A 88 9.39 -0.17 -3.21
C LYS A 88 10.80 0.20 -3.73
N LEU A 89 10.84 0.89 -4.86
CA LEU A 89 12.12 1.30 -5.45
C LEU A 89 12.95 2.20 -4.56
N MET A 90 12.30 3.12 -3.86
CA MET A 90 13.02 4.01 -2.95
C MET A 90 13.34 3.23 -1.67
N HIS A 91 12.42 2.35 -1.28
CA HIS A 91 12.60 1.49 -0.12
C HIS A 91 13.83 0.64 -0.41
N GLN A 92 13.96 0.26 -1.67
CA GLN A 92 15.10 -0.53 -2.12
C GLN A 92 16.40 0.28 -1.89
N ALA A 93 16.46 1.48 -2.48
CA ALA A 93 17.64 2.33 -2.34
C ALA A 93 18.03 2.46 -0.86
N ALA A 94 17.02 2.57 0.00
CA ALA A 94 17.32 2.68 1.42
C ALA A 94 18.07 1.40 1.80
N LEU A 95 17.43 0.26 1.60
CA LEU A 95 18.04 -1.03 1.93
C LEU A 95 19.48 -1.13 1.46
N LEU A 96 19.71 -0.79 0.19
CA LEU A 96 21.05 -0.84 -0.38
C LEU A 96 22.04 -0.15 0.55
N GLY A 97 21.60 0.95 1.17
CA GLY A 97 22.46 1.69 2.09
C GLY A 97 23.01 0.81 3.19
N GLY A 98 22.11 0.06 3.82
CA GLY A 98 22.53 -0.83 4.89
C GLY A 98 23.36 -1.93 4.29
N MET A 99 23.13 -2.21 3.01
CA MET A 99 23.86 -3.25 2.32
C MET A 99 25.34 -2.91 2.29
N ILE A 100 25.64 -1.63 2.11
CA ILE A 100 27.02 -1.15 2.05
C ILE A 100 27.67 -1.23 3.42
N ARG A 101 26.95 -0.79 4.45
CA ARG A 101 27.46 -0.84 5.79
C ARG A 101 27.84 -2.29 5.96
N ASP A 102 26.83 -3.14 6.05
CA ASP A 102 27.03 -4.58 6.19
C ASP A 102 28.23 -5.03 5.34
N ALA A 103 28.23 -4.64 4.07
CA ALA A 103 29.28 -5.00 3.11
C ALA A 103 30.69 -5.03 3.68
N HIS A 104 31.04 -4.01 4.45
CA HIS A 104 32.37 -3.92 5.06
C HIS A 104 32.74 -5.21 5.83
N HIS A 105 31.81 -5.73 6.62
CA HIS A 105 32.06 -6.94 7.41
C HIS A 105 32.35 -8.18 6.57
N TYR A 106 31.75 -8.25 5.39
CA TYR A 106 31.98 -9.38 4.52
C TYR A 106 33.24 -9.26 3.67
N GLY A 107 34.11 -8.33 4.03
CA GLY A 107 35.36 -8.18 3.29
C GLY A 107 35.37 -7.16 2.18
N TRP A 108 34.29 -6.41 2.02
CA TRP A 108 34.24 -5.38 0.98
C TRP A 108 34.74 -4.07 1.51
N GLU A 109 35.96 -3.74 1.13
CA GLU A 109 36.60 -2.52 1.59
C GLU A 109 36.02 -1.24 0.97
N VAL A 110 34.70 -1.12 1.03
CA VAL A 110 34.03 0.07 0.52
C VAL A 110 34.47 1.22 1.39
N ALA A 111 34.65 2.38 0.79
CA ALA A 111 35.07 3.56 1.55
C ALA A 111 33.84 4.29 2.04
N GLN A 112 33.69 4.38 3.35
CA GLN A 112 32.54 5.07 3.97
C GLN A 112 32.97 6.40 4.60
N PRO A 113 31.98 7.26 4.95
CA PRO A 113 30.56 6.99 4.76
C PRO A 113 30.15 7.40 3.34
N VAL A 114 29.57 6.46 2.62
CA VAL A 114 29.13 6.70 1.25
C VAL A 114 27.93 7.66 1.22
N GLN A 115 28.00 8.68 0.37
CA GLN A 115 26.91 9.64 0.25
C GLN A 115 25.80 9.06 -0.61
N HIS A 116 24.78 9.86 -0.86
CA HIS A 116 23.64 9.43 -1.66
C HIS A 116 22.84 10.66 -2.03
N ASN A 117 22.69 10.95 -3.32
CA ASN A 117 21.93 12.13 -3.67
C ASN A 117 20.52 11.86 -4.21
N TRP A 118 19.58 12.60 -3.65
CA TRP A 118 18.18 12.48 -4.00
C TRP A 118 17.93 12.66 -5.47
N LYS A 119 18.78 13.43 -6.12
CA LYS A 119 18.62 13.67 -7.54
C LYS A 119 18.81 12.40 -8.35
N THR A 120 19.96 11.74 -8.18
CA THR A 120 20.24 10.51 -8.93
C THR A 120 19.17 9.44 -8.71
N MET A 121 18.77 9.23 -7.47
CA MET A 121 17.77 8.23 -7.17
C MET A 121 16.47 8.57 -7.89
N ALA A 122 15.88 9.69 -7.52
CA ALA A 122 14.63 10.13 -8.12
C ALA A 122 14.62 9.95 -9.64
N GLU A 123 15.62 10.47 -10.33
CA GLU A 123 15.68 10.33 -11.77
C GLU A 123 15.44 8.88 -12.14
N ALA A 124 16.39 8.04 -11.70
CA ALA A 124 16.34 6.59 -11.93
C ALA A 124 14.93 6.05 -11.78
N VAL A 125 14.37 6.25 -10.58
CA VAL A 125 13.02 5.79 -10.27
C VAL A 125 12.02 6.25 -11.34
N GLN A 126 11.89 7.57 -11.45
CA GLN A 126 10.98 8.19 -12.40
C GLN A 126 11.14 7.71 -13.82
N ASN A 127 12.38 7.61 -14.29
CA ASN A 127 12.62 7.14 -15.65
C ASN A 127 12.03 5.74 -15.82
N HIS A 128 11.81 5.06 -14.71
CA HIS A 128 11.23 3.72 -14.75
C HIS A 128 9.71 3.83 -14.72
N VAL A 129 9.21 4.71 -13.88
CA VAL A 129 7.77 4.91 -13.78
C VAL A 129 7.29 5.13 -15.19
N LYS A 130 8.02 5.99 -15.90
CA LYS A 130 7.70 6.32 -17.27
C LYS A 130 7.77 5.13 -18.19
N SER A 131 8.67 4.20 -17.89
CA SER A 131 8.81 3.00 -18.70
C SER A 131 7.54 2.15 -18.56
N LEU A 132 6.75 2.47 -17.54
CA LEU A 132 5.50 1.77 -17.31
C LEU A 132 4.39 2.71 -17.72
N ASN A 133 4.77 3.96 -18.02
CA ASN A 133 3.84 4.97 -18.50
C ASN A 133 3.65 4.61 -19.97
N TRP A 134 4.73 4.79 -20.75
CA TRP A 134 4.71 4.48 -22.18
C TRP A 134 4.85 2.97 -22.37
N GLY A 135 4.30 2.23 -21.41
CA GLY A 135 4.34 0.78 -21.43
C GLY A 135 2.92 0.24 -21.43
N HIS A 136 2.05 0.86 -20.63
CA HIS A 136 0.65 0.45 -20.59
C HIS A 136 0.04 1.00 -21.87
N ARG A 137 0.52 2.18 -22.24
CA ARG A 137 0.05 2.86 -23.43
C ARG A 137 0.26 1.92 -24.63
N VAL A 138 1.42 1.28 -24.69
CA VAL A 138 1.74 0.34 -25.77
C VAL A 138 0.77 -0.85 -25.75
N GLN A 139 0.59 -1.45 -24.58
CA GLN A 139 -0.29 -2.61 -24.42
C GLN A 139 -1.73 -2.29 -24.77
N LEU A 140 -2.11 -1.02 -24.71
CA LEU A 140 -3.48 -0.60 -25.04
C LEU A 140 -3.70 -0.49 -26.54
N GLN A 141 -2.63 -0.24 -27.27
CA GLN A 141 -2.70 -0.12 -28.73
C GLN A 141 -2.77 -1.50 -29.35
N ASP A 142 -1.78 -2.33 -29.03
CA ASP A 142 -1.73 -3.68 -29.58
C ASP A 142 -2.99 -4.49 -29.25
N ARG A 143 -3.81 -3.99 -28.31
CA ARG A 143 -5.01 -4.72 -27.91
C ARG A 143 -6.37 -4.23 -28.41
N LYS A 144 -6.40 -3.46 -29.49
CA LYS A 144 -7.69 -3.00 -30.01
C LYS A 144 -8.45 -2.17 -28.96
N VAL A 145 -7.73 -1.34 -28.21
CA VAL A 145 -8.37 -0.51 -27.18
C VAL A 145 -8.03 0.96 -27.36
N LYS A 146 -9.07 1.80 -27.32
CA LYS A 146 -8.88 3.25 -27.48
C LYS A 146 -8.79 3.91 -26.13
N TYR A 147 -7.94 4.93 -26.05
CA TYR A 147 -7.66 5.68 -24.84
C TYR A 147 -8.10 7.12 -24.99
N PHE A 148 -8.86 7.63 -24.02
CA PHE A 148 -9.34 8.99 -24.09
C PHE A 148 -9.07 9.73 -22.80
N ASN A 149 -7.92 10.40 -22.78
CA ASN A 149 -7.46 11.19 -21.64
C ASN A 149 -8.49 12.29 -21.34
N ILE A 150 -9.52 11.97 -20.56
CA ILE A 150 -10.55 12.97 -20.23
C ILE A 150 -11.19 12.81 -18.84
N LYS A 151 -11.11 13.88 -18.04
CA LYS A 151 -11.68 13.89 -16.69
C LYS A 151 -13.16 13.54 -16.79
N ALA A 152 -13.43 12.26 -16.97
CA ALA A 152 -14.78 11.78 -17.12
C ALA A 152 -15.73 12.20 -16.00
N SER A 153 -17.01 12.15 -16.32
CA SER A 153 -18.10 12.50 -15.41
C SER A 153 -19.41 11.96 -15.99
N PHE A 154 -20.28 11.46 -15.11
CA PHE A 154 -21.55 10.89 -15.52
C PHE A 154 -22.62 11.87 -16.00
N VAL A 155 -23.24 11.53 -17.13
CA VAL A 155 -24.31 12.33 -17.72
C VAL A 155 -25.62 11.55 -17.62
N ASP A 156 -25.51 10.22 -17.58
CA ASP A 156 -26.68 9.35 -17.45
C ASP A 156 -26.29 7.88 -17.43
N GLU A 157 -27.28 7.04 -17.70
CA GLU A 157 -27.11 5.59 -17.70
C GLU A 157 -25.93 5.02 -18.50
N HIS A 158 -25.85 5.37 -19.79
CA HIS A 158 -24.80 4.83 -20.67
C HIS A 158 -23.78 5.83 -21.24
N THR A 159 -23.74 7.05 -20.72
CA THR A 159 -22.81 8.02 -21.27
C THR A 159 -22.08 8.86 -20.25
N VAL A 160 -20.93 9.40 -20.67
CA VAL A 160 -20.08 10.22 -19.82
C VAL A 160 -19.58 11.41 -20.63
N ARG A 161 -19.29 12.52 -19.94
CA ARG A 161 -18.77 13.69 -20.61
C ARG A 161 -17.28 13.74 -20.34
N GLY A 162 -16.52 14.33 -21.26
CA GLY A 162 -15.08 14.38 -21.06
C GLY A 162 -14.38 15.72 -21.15
N VAL A 163 -14.08 16.32 -19.99
CA VAL A 163 -13.35 17.58 -19.95
C VAL A 163 -11.99 17.23 -20.56
N ASP A 164 -11.19 18.24 -20.90
CA ASP A 164 -9.87 17.98 -21.50
C ASP A 164 -8.86 19.04 -21.04
N LYS A 165 -7.56 18.76 -21.23
CA LYS A 165 -6.51 19.71 -20.86
C LYS A 165 -6.84 20.95 -21.66
N GLY A 166 -7.60 20.74 -22.74
CA GLY A 166 -8.04 21.81 -23.60
C GLY A 166 -9.44 22.24 -23.19
N GLY A 167 -10.42 21.37 -23.41
CA GLY A 167 -11.78 21.70 -23.03
C GLY A 167 -12.89 21.08 -23.87
N LYS A 168 -12.52 20.30 -24.89
CA LYS A 168 -13.50 19.65 -25.76
C LYS A 168 -14.06 18.40 -25.11
N ALA A 169 -15.37 18.41 -24.87
CA ALA A 169 -16.04 17.28 -24.27
C ALA A 169 -16.05 16.18 -25.33
N THR A 170 -16.52 14.99 -24.97
CA THR A 170 -16.57 13.90 -25.93
C THR A 170 -17.72 12.96 -25.64
N LEU A 171 -18.54 12.69 -26.66
CA LEU A 171 -19.69 11.79 -26.53
C LEU A 171 -19.19 10.33 -26.42
N LEU A 172 -19.22 9.80 -25.19
CA LEU A 172 -18.79 8.41 -24.91
C LEU A 172 -19.93 7.57 -24.31
N SER A 173 -20.20 6.44 -24.96
CA SER A 173 -21.26 5.53 -24.50
C SER A 173 -20.82 4.07 -24.59
N ALA A 174 -21.37 3.24 -23.71
CA ALA A 174 -21.05 1.82 -23.69
C ALA A 174 -22.14 1.05 -22.93
N GLU A 175 -22.33 -0.22 -23.26
CA GLU A 175 -23.36 -1.01 -22.58
C GLU A 175 -22.96 -1.41 -21.16
N HIS A 176 -21.65 -1.49 -20.93
CA HIS A 176 -21.11 -1.82 -19.61
C HIS A 176 -20.02 -0.81 -19.26
N ILE A 177 -20.17 -0.22 -18.08
CA ILE A 177 -19.21 0.76 -17.61
C ILE A 177 -18.59 0.30 -16.30
N VAL A 178 -17.26 0.21 -16.30
CA VAL A 178 -16.53 -0.19 -15.10
C VAL A 178 -15.90 1.06 -14.51
N ILE A 179 -16.11 1.30 -13.22
CA ILE A 179 -15.55 2.47 -12.56
C ILE A 179 -14.36 2.08 -11.69
N ALA A 180 -13.19 2.59 -12.07
CA ALA A 180 -11.94 2.33 -11.35
C ALA A 180 -11.19 3.65 -11.21
N THR A 181 -11.78 4.58 -10.46
CA THR A 181 -11.20 5.90 -10.24
C THR A 181 -10.30 6.00 -9.02
N GLY A 182 -10.18 4.91 -8.27
CA GLY A 182 -9.33 4.93 -7.08
C GLY A 182 -9.60 6.09 -6.14
N GLY A 183 -8.54 6.59 -5.50
CA GLY A 183 -8.71 7.71 -4.58
C GLY A 183 -7.55 8.67 -4.62
N ARG A 184 -7.53 9.61 -3.69
CA ARG A 184 -6.45 10.59 -3.59
C ARG A 184 -6.16 10.91 -2.13
N PRO A 185 -4.89 11.23 -1.82
CA PRO A 185 -4.41 11.57 -0.48
C PRO A 185 -5.30 12.56 0.28
N ARG A 186 -5.87 12.12 1.38
CA ARG A 186 -6.74 12.99 2.17
C ARG A 186 -5.86 14.07 2.80
N TYR A 187 -6.46 15.24 3.05
CA TYR A 187 -5.74 16.35 3.67
C TYR A 187 -6.35 16.69 5.04
N PRO A 188 -5.61 17.44 5.89
CA PRO A 188 -6.08 17.83 7.22
C PRO A 188 -7.22 18.81 7.06
N THR A 189 -8.04 18.96 8.11
CA THR A 189 -9.16 19.89 8.04
C THR A 189 -8.78 21.30 8.49
N GLN A 190 -8.90 21.53 9.78
CA GLN A 190 -8.62 22.81 10.40
C GLN A 190 -7.14 23.14 10.53
N VAL A 191 -6.29 22.23 10.10
CA VAL A 191 -4.86 22.46 10.18
C VAL A 191 -4.45 23.51 9.14
N LYS A 192 -4.37 24.76 9.59
CA LYS A 192 -3.99 25.86 8.73
C LYS A 192 -2.52 25.70 8.38
N GLY A 193 -2.18 25.96 7.11
CA GLY A 193 -0.81 25.82 6.66
C GLY A 193 -0.64 24.46 6.03
N ALA A 194 -1.77 23.78 5.82
CA ALA A 194 -1.78 22.46 5.23
C ALA A 194 -1.55 22.46 3.72
N LEU A 195 -2.61 22.72 2.97
CA LEU A 195 -2.53 22.75 1.51
C LEU A 195 -1.38 23.65 1.14
N GLU A 196 -1.29 24.76 1.87
CA GLU A 196 -0.26 25.76 1.64
C GLU A 196 1.15 25.18 1.48
N TYR A 197 1.60 24.41 2.45
CA TYR A 197 2.96 23.85 2.40
C TYR A 197 3.03 22.34 2.47
N GLY A 198 1.98 21.70 2.95
CA GLY A 198 1.99 20.26 3.03
C GLY A 198 2.33 19.64 1.68
N ILE A 199 2.67 18.36 1.70
CA ILE A 199 2.98 17.62 0.50
C ILE A 199 2.33 16.26 0.70
N THR A 200 2.01 15.56 -0.38
CA THR A 200 1.37 14.25 -0.27
C THR A 200 2.21 13.15 -0.88
N SER A 201 1.80 11.91 -0.66
CA SER A 201 2.53 10.78 -1.23
C SER A 201 2.69 11.01 -2.73
N ASP A 202 1.76 11.77 -3.31
CA ASP A 202 1.79 12.06 -4.74
C ASP A 202 2.94 12.98 -5.13
N ASP A 203 3.59 13.58 -4.14
CA ASP A 203 4.68 14.52 -4.43
C ASP A 203 6.05 13.97 -4.11
N ILE A 204 6.20 13.44 -2.90
CA ILE A 204 7.46 12.90 -2.42
C ILE A 204 8.22 12.13 -3.48
N PHE A 205 7.49 11.44 -4.35
CA PHE A 205 8.12 10.66 -5.40
C PHE A 205 8.69 11.49 -6.54
N TRP A 206 7.95 12.51 -6.97
CA TRP A 206 8.38 13.35 -8.08
C TRP A 206 9.14 14.63 -7.72
N LEU A 207 9.51 14.80 -6.46
CA LEU A 207 10.23 15.99 -6.08
C LEU A 207 11.44 16.10 -7.00
N LYS A 208 11.89 17.33 -7.21
CA LYS A 208 13.04 17.56 -8.05
C LYS A 208 14.25 17.72 -7.14
N GLU A 209 13.98 18.18 -5.91
CA GLU A 209 15.01 18.39 -4.92
C GLU A 209 14.72 17.69 -3.59
N SER A 210 15.77 17.10 -3.01
CA SER A 210 15.71 16.37 -1.74
C SER A 210 14.77 16.92 -0.65
N PRO A 211 14.04 16.03 0.02
CA PRO A 211 13.12 16.49 1.07
C PRO A 211 13.89 17.22 2.16
N GLY A 212 15.18 16.90 2.29
CA GLY A 212 16.00 17.53 3.31
C GLY A 212 15.54 17.10 4.68
N LYS A 213 14.83 17.98 5.40
CA LYS A 213 14.33 17.58 6.71
C LYS A 213 12.85 17.37 6.50
N THR A 214 12.28 16.40 7.20
CA THR A 214 10.88 16.16 7.01
C THR A 214 10.11 15.56 8.18
N LEU A 215 8.82 15.88 8.21
CA LEU A 215 7.89 15.42 9.24
C LEU A 215 6.78 14.65 8.55
N VAL A 216 6.49 13.45 9.05
CA VAL A 216 5.45 12.61 8.46
C VAL A 216 4.27 12.47 9.39
N VAL A 217 3.19 13.18 9.12
CA VAL A 217 2.02 13.10 9.97
C VAL A 217 1.16 11.88 9.60
N GLY A 218 1.48 10.75 10.19
CA GLY A 218 0.72 9.53 9.92
C GLY A 218 1.22 8.37 10.76
N ALA A 219 0.40 7.34 10.93
CA ALA A 219 0.79 6.20 11.75
C ALA A 219 0.53 4.81 11.15
N SER A 220 0.42 4.70 9.82
CA SER A 220 0.17 3.40 9.18
C SER A 220 1.04 3.12 7.95
N TYR A 221 0.46 2.39 7.00
CA TYR A 221 1.13 2.01 5.77
C TYR A 221 2.00 3.09 5.14
N VAL A 222 1.38 4.06 4.48
CA VAL A 222 2.10 5.15 3.83
C VAL A 222 3.14 5.78 4.73
N ALA A 223 2.65 6.51 5.73
CA ALA A 223 3.51 7.19 6.69
C ALA A 223 4.80 6.45 6.96
N LEU A 224 4.68 5.33 7.66
CA LEU A 224 5.80 4.50 8.04
C LEU A 224 6.74 4.10 6.91
N GLU A 225 6.20 3.60 5.80
CA GLU A 225 7.01 3.20 4.64
C GLU A 225 7.84 4.35 4.11
N CYS A 226 7.18 5.48 3.88
CA CYS A 226 7.84 6.69 3.39
C CYS A 226 8.85 7.16 4.44
N ALA A 227 8.40 7.20 5.69
CA ALA A 227 9.23 7.61 6.81
C ALA A 227 10.46 6.74 6.82
N GLY A 228 10.27 5.47 6.44
CA GLY A 228 11.35 4.51 6.41
C GLY A 228 12.50 4.81 5.47
N PHE A 229 12.27 4.70 4.17
CA PHE A 229 13.35 4.96 3.25
C PHE A 229 13.93 6.36 3.44
N LEU A 230 13.08 7.35 3.71
CA LEU A 230 13.58 8.71 3.92
C LEU A 230 14.76 8.63 4.88
N THR A 231 14.52 7.98 6.01
CA THR A 231 15.53 7.77 7.06
C THR A 231 16.70 6.95 6.51
N GLY A 232 16.38 5.93 5.70
CA GLY A 232 17.39 5.06 5.13
C GLY A 232 18.35 5.80 4.24
N ILE A 233 17.86 6.90 3.65
CA ILE A 233 18.67 7.75 2.77
C ILE A 233 19.64 8.58 3.60
N GLY A 234 19.21 9.01 4.78
CA GLY A 234 20.06 9.80 5.64
C GLY A 234 19.40 11.10 6.04
N LEU A 235 18.14 11.27 5.65
CA LEU A 235 17.41 12.47 5.98
C LEU A 235 16.94 12.45 7.42
N ASP A 236 16.89 13.63 8.02
CA ASP A 236 16.43 13.73 9.39
C ASP A 236 14.91 13.62 9.36
N THR A 237 14.45 12.37 9.34
CA THR A 237 13.02 12.05 9.28
C THR A 237 12.34 11.94 10.65
N THR A 238 11.11 12.43 10.75
CA THR A 238 10.36 12.39 12.00
C THR A 238 8.90 12.06 11.77
N VAL A 239 8.42 10.98 12.40
CA VAL A 239 7.02 10.55 12.27
C VAL A 239 6.16 11.10 13.40
N MET A 240 4.94 11.55 13.09
CA MET A 240 4.04 12.09 14.12
C MET A 240 2.71 11.34 14.26
N MET A 241 2.72 10.31 15.09
CA MET A 241 1.56 9.48 15.35
C MET A 241 0.62 10.13 16.34
N ARG A 242 -0.66 10.21 15.99
CA ARG A 242 -1.62 10.79 16.91
C ARG A 242 -2.09 9.70 17.85
N SER A 243 -2.33 8.50 17.33
CA SER A 243 -2.76 7.39 18.19
C SER A 243 -1.84 6.19 18.04
N ILE A 244 -2.44 5.03 17.76
CA ILE A 244 -1.69 3.78 17.62
C ILE A 244 -1.22 3.55 16.20
N PRO A 245 -0.20 2.68 16.02
CA PRO A 245 0.38 2.36 14.73
C PRO A 245 -0.43 1.33 13.95
N LEU A 246 -0.36 1.42 12.62
CA LEU A 246 -1.04 0.47 11.76
C LEU A 246 -2.30 -0.04 12.40
N ARG A 247 -3.19 0.87 12.77
CA ARG A 247 -4.46 0.47 13.38
C ARG A 247 -5.10 -0.60 12.49
N GLY A 248 -5.43 -1.74 13.09
CA GLY A 248 -6.05 -2.82 12.34
C GLY A 248 -5.17 -4.07 12.34
N PHE A 249 -3.90 -3.87 12.03
CA PHE A 249 -2.94 -4.94 11.99
C PHE A 249 -2.75 -5.56 13.36
N ASP A 250 -2.07 -6.70 13.38
CA ASP A 250 -1.81 -7.38 14.64
C ASP A 250 -0.96 -6.46 15.51
N GLN A 251 -1.61 -5.64 16.31
CA GLN A 251 -0.93 -4.68 17.16
C GLN A 251 0.44 -5.06 17.72
N GLN A 252 0.66 -6.35 17.97
CA GLN A 252 1.96 -6.76 18.49
C GLN A 252 2.97 -6.47 17.41
N MET A 253 2.75 -7.09 16.25
CA MET A 253 3.63 -6.91 15.11
C MET A 253 3.79 -5.42 14.81
N SER A 254 2.66 -4.72 14.77
CA SER A 254 2.61 -3.29 14.49
C SER A 254 3.61 -2.55 15.36
N SER A 255 3.60 -2.88 16.65
CA SER A 255 4.49 -2.26 17.61
C SER A 255 5.92 -2.64 17.35
N LEU A 256 6.15 -3.93 17.14
CA LEU A 256 7.50 -4.42 16.86
C LEU A 256 8.10 -3.65 15.69
N VAL A 257 7.25 -3.31 14.73
CA VAL A 257 7.65 -2.57 13.54
C VAL A 257 8.23 -1.20 13.91
N THR A 258 7.39 -0.33 14.45
CA THR A 258 7.86 1.00 14.83
C THR A 258 9.14 0.94 15.68
N GLU A 259 9.13 0.09 16.70
CA GLU A 259 10.31 -0.03 17.56
C GLU A 259 11.58 -0.24 16.76
N HIS A 260 11.45 -0.93 15.64
CA HIS A 260 12.61 -1.15 14.80
C HIS A 260 13.04 0.18 14.24
N MET A 261 12.09 0.93 13.69
CA MET A 261 12.39 2.24 13.10
C MET A 261 13.07 3.16 14.08
N GLU A 262 12.40 3.39 15.21
CA GLU A 262 12.91 4.27 16.28
C GLU A 262 14.30 3.83 16.69
N SER A 263 14.49 2.53 16.78
CA SER A 263 15.76 1.93 17.15
C SER A 263 16.79 2.09 16.02
N HIS A 264 16.34 2.55 14.86
CA HIS A 264 17.27 2.68 13.74
C HIS A 264 17.28 4.02 13.00
N GLY A 265 17.20 5.13 13.74
CA GLY A 265 17.25 6.43 13.11
C GLY A 265 15.99 7.24 12.86
N THR A 266 14.81 6.65 13.03
CA THR A 266 13.57 7.40 12.78
C THR A 266 13.02 8.13 14.02
N GLN A 267 13.17 9.45 14.03
CA GLN A 267 12.66 10.23 15.15
C GLN A 267 11.17 10.00 15.22
N PHE A 268 10.64 9.82 16.43
CA PHE A 268 9.21 9.55 16.65
C PHE A 268 8.55 10.45 17.68
N LEU A 269 7.40 11.03 17.32
CA LEU A 269 6.64 11.90 18.23
C LEU A 269 5.34 11.19 18.56
N LYS A 270 5.41 10.25 19.50
CA LYS A 270 4.25 9.45 19.87
C LYS A 270 3.12 10.24 20.54
N GLY A 271 1.95 10.23 19.90
CA GLY A 271 0.79 10.91 20.44
C GLY A 271 0.61 12.40 20.21
N CYS A 272 1.04 12.89 19.05
CA CYS A 272 0.92 14.32 18.74
C CYS A 272 0.10 14.62 17.50
N VAL A 273 -0.51 15.81 17.48
CA VAL A 273 -1.34 16.19 16.36
C VAL A 273 -1.00 17.61 15.89
N PRO A 274 -1.12 17.84 14.57
CA PRO A 274 -0.86 19.13 13.92
C PRO A 274 -2.01 20.10 14.11
N SER A 275 -1.66 21.37 14.24
CA SER A 275 -2.65 22.42 14.46
C SER A 275 -2.31 23.67 13.64
N HIS A 276 -1.05 23.78 13.23
CA HIS A 276 -0.65 24.95 12.46
C HIS A 276 0.74 24.80 11.91
N ILE A 277 0.91 25.18 10.65
CA ILE A 277 2.21 25.17 9.99
C ILE A 277 2.37 26.60 9.49
N LYS A 278 3.51 27.21 9.78
CA LYS A 278 3.75 28.58 9.37
C LYS A 278 5.06 28.67 8.59
N LYS A 279 5.00 29.04 7.31
CA LYS A 279 6.22 29.16 6.52
C LYS A 279 6.95 30.41 7.01
N LEU A 280 8.26 30.30 7.24
CA LEU A 280 9.04 31.44 7.72
C LEU A 280 9.99 31.94 6.65
N PRO A 281 10.71 33.06 6.90
CA PRO A 281 11.63 33.60 5.90
C PRO A 281 12.40 32.58 5.07
N THR A 282 13.34 31.86 5.69
CA THR A 282 14.13 30.88 4.95
C THR A 282 13.25 29.84 4.27
N ASN A 283 11.93 30.03 4.39
CA ASN A 283 10.92 29.15 3.80
C ASN A 283 10.74 27.84 4.55
N GLN A 284 11.52 27.64 5.61
CA GLN A 284 11.38 26.42 6.40
C GLN A 284 9.99 26.44 6.99
N LEU A 285 9.46 25.27 7.32
CA LEU A 285 8.12 25.16 7.89
C LEU A 285 8.14 25.11 9.42
N GLN A 286 7.35 25.98 10.04
CA GLN A 286 7.28 26.01 11.49
C GLN A 286 5.97 25.35 11.89
N VAL A 287 6.06 24.05 12.10
CA VAL A 287 4.91 23.24 12.47
C VAL A 287 4.71 23.19 13.97
N THR A 288 3.51 23.52 14.41
CA THR A 288 3.18 23.51 15.82
C THR A 288 2.13 22.43 16.09
N TRP A 289 2.38 21.63 17.11
CA TRP A 289 1.47 20.54 17.44
C TRP A 289 1.06 20.55 18.90
N GLU A 290 0.64 19.39 19.39
CA GLU A 290 0.23 19.22 20.77
C GLU A 290 0.71 17.86 21.21
N ASP A 291 1.48 17.83 22.30
CA ASP A 291 2.02 16.58 22.79
C ASP A 291 1.07 15.96 23.81
N HIS A 292 -0.06 15.43 23.33
CA HIS A 292 -1.07 14.82 24.19
C HIS A 292 -0.49 13.78 25.14
N ALA A 293 0.74 13.36 24.90
CA ALA A 293 1.40 12.35 25.75
C ALA A 293 2.02 13.01 26.96
N SER A 294 2.55 14.22 26.74
CA SER A 294 3.20 14.98 27.79
C SER A 294 2.75 16.45 27.80
N GLY A 295 3.59 17.34 27.27
CA GLY A 295 3.25 18.76 27.24
C GLY A 295 1.91 19.03 26.57
N LYS A 296 1.62 20.29 26.28
CA LYS A 296 0.34 20.58 25.62
C LYS A 296 0.46 21.35 24.32
N GLU A 297 1.69 21.52 23.87
CA GLU A 297 2.00 22.20 22.61
C GLU A 297 3.50 22.27 22.46
N ASP A 298 3.98 22.06 21.24
CA ASP A 298 5.41 22.14 21.00
C ASP A 298 5.59 22.55 19.55
N THR A 299 6.71 23.20 19.27
CA THR A 299 7.02 23.68 17.94
C THR A 299 8.42 23.28 17.48
N GLY A 300 8.47 22.80 16.25
CA GLY A 300 9.72 22.41 15.64
C GLY A 300 9.60 22.89 14.21
N THR A 301 10.69 22.83 13.47
CA THR A 301 10.65 23.28 12.09
C THR A 301 11.38 22.28 11.19
N PHE A 302 10.78 21.99 10.04
CA PHE A 302 11.38 21.04 9.10
C PHE A 302 11.19 21.54 7.69
N ASP A 303 12.00 21.01 6.78
CA ASP A 303 11.93 21.42 5.37
C ASP A 303 10.64 20.99 4.66
N THR A 304 10.26 19.73 4.82
CA THR A 304 9.05 19.23 4.18
C THR A 304 8.10 18.63 5.23
N VAL A 305 6.82 18.54 4.89
CA VAL A 305 5.81 17.98 5.78
C VAL A 305 4.94 17.04 4.95
N LEU A 306 4.90 15.76 5.31
CA LEU A 306 4.13 14.78 4.55
C LEU A 306 2.91 14.23 5.27
N TRP A 307 1.76 14.45 4.67
CA TRP A 307 0.51 13.98 5.24
C TRP A 307 0.20 12.56 4.78
N ALA A 308 0.35 11.61 5.68
CA ALA A 308 0.05 10.21 5.41
C ALA A 308 -1.13 9.86 6.30
N ILE A 309 -2.27 10.48 6.03
CA ILE A 309 -3.47 10.30 6.84
C ILE A 309 -4.64 9.62 6.13
N GLY A 310 -4.33 8.75 5.17
CA GLY A 310 -5.40 8.08 4.46
C GLY A 310 -5.64 8.71 3.11
N ARG A 311 -6.47 8.06 2.30
CA ARG A 311 -6.80 8.57 0.98
C ARG A 311 -8.32 8.73 0.98
N VAL A 312 -8.88 9.21 -0.15
CA VAL A 312 -10.31 9.40 -0.28
C VAL A 312 -10.76 9.13 -1.73
N PRO A 313 -11.93 8.51 -1.91
CA PRO A 313 -12.43 8.21 -3.25
C PRO A 313 -12.75 9.45 -4.10
N GLU A 314 -12.40 9.41 -5.38
CA GLU A 314 -12.71 10.53 -6.27
C GLU A 314 -14.01 10.21 -6.98
N THR A 315 -15.06 10.11 -6.16
CA THR A 315 -16.41 9.81 -6.64
C THR A 315 -17.18 11.09 -6.87
N ARG A 316 -17.00 12.02 -5.94
CA ARG A 316 -17.66 13.31 -6.01
C ARG A 316 -17.65 13.84 -7.44
N THR A 317 -16.44 13.98 -7.99
CA THR A 317 -16.23 14.50 -9.34
C THR A 317 -16.79 13.67 -10.50
N LEU A 318 -17.83 12.88 -10.25
CA LEU A 318 -18.42 12.04 -11.31
C LEU A 318 -19.91 12.30 -11.55
N ASN A 319 -20.56 12.93 -10.57
CA ASN A 319 -22.00 13.20 -10.67
C ASN A 319 -22.64 11.82 -10.67
N LEU A 320 -22.09 10.92 -9.86
CA LEU A 320 -22.60 9.56 -9.77
C LEU A 320 -24.12 9.54 -9.62
N GLU A 321 -24.61 10.35 -8.69
CA GLU A 321 -26.04 10.49 -8.39
C GLU A 321 -26.89 10.70 -9.65
N LYS A 322 -26.33 11.48 -10.59
CA LYS A 322 -26.99 11.80 -11.85
C LYS A 322 -26.75 10.72 -12.90
N ALA A 323 -26.59 9.49 -12.41
CA ALA A 323 -26.36 8.33 -13.27
C ALA A 323 -27.09 7.12 -12.68
N GLY A 324 -27.42 7.22 -11.40
CA GLY A 324 -28.14 6.14 -10.72
C GLY A 324 -27.29 5.22 -9.87
N ILE A 325 -26.04 5.61 -9.60
CA ILE A 325 -25.13 4.79 -8.81
C ILE A 325 -25.19 5.12 -7.31
N SER A 326 -25.93 4.33 -6.54
CA SER A 326 -26.02 4.61 -5.10
C SER A 326 -24.59 4.55 -4.54
N THR A 327 -24.36 5.21 -3.41
CA THR A 327 -23.04 5.24 -2.78
C THR A 327 -23.04 4.97 -1.28
N ASN A 328 -21.90 5.21 -0.63
CA ASN A 328 -21.77 5.00 0.80
C ASN A 328 -21.62 6.34 1.46
N PRO A 329 -22.16 6.49 2.68
CA PRO A 329 -22.10 7.72 3.48
C PRO A 329 -20.69 8.07 3.99
N LYS A 330 -20.23 7.37 5.02
CA LYS A 330 -18.91 7.59 5.62
C LYS A 330 -17.87 7.72 4.50
N ASN A 331 -17.30 6.59 4.10
CA ASN A 331 -16.33 6.57 3.01
C ASN A 331 -17.18 6.77 1.76
N GLN A 332 -16.85 7.76 0.94
CA GLN A 332 -17.64 8.03 -0.26
C GLN A 332 -17.57 6.98 -1.37
N LYS A 333 -16.95 5.85 -1.07
CA LYS A 333 -16.81 4.77 -2.04
C LYS A 333 -18.13 4.37 -2.69
N ILE A 334 -18.02 3.67 -3.82
CA ILE A 334 -19.18 3.21 -4.57
C ILE A 334 -19.68 1.91 -3.94
N ILE A 335 -20.90 1.91 -3.40
CA ILE A 335 -21.48 0.71 -2.79
C ILE A 335 -21.43 -0.40 -3.83
N VAL A 336 -21.17 -1.63 -3.39
CA VAL A 336 -21.07 -2.72 -4.37
C VAL A 336 -21.71 -4.08 -4.08
N ASP A 337 -21.68 -4.90 -5.12
CA ASP A 337 -22.24 -6.24 -5.11
C ASP A 337 -21.25 -7.25 -4.56
N ALA A 338 -21.22 -8.40 -5.23
CA ALA A 338 -20.35 -9.51 -4.93
C ALA A 338 -19.88 -9.92 -6.33
N GLN A 339 -20.41 -9.17 -7.31
CA GLN A 339 -20.11 -9.33 -8.72
C GLN A 339 -19.47 -8.02 -9.14
N GLU A 340 -19.12 -7.24 -8.13
CA GLU A 340 -18.51 -5.92 -8.30
C GLU A 340 -19.51 -4.97 -8.96
N ALA A 341 -20.77 -5.41 -9.04
CA ALA A 341 -21.85 -4.62 -9.64
C ALA A 341 -22.42 -3.59 -8.68
N THR A 342 -22.98 -2.52 -9.22
CA THR A 342 -23.55 -1.48 -8.38
C THR A 342 -25.05 -1.54 -8.39
N SER A 343 -25.70 -0.39 -8.30
CA SER A 343 -27.14 -0.32 -8.33
C SER A 343 -27.63 -0.48 -9.77
N VAL A 344 -26.78 -0.08 -10.71
CA VAL A 344 -27.10 -0.17 -12.14
C VAL A 344 -26.42 -1.43 -12.68
N PRO A 345 -27.10 -2.57 -12.61
CA PRO A 345 -26.59 -3.87 -13.08
C PRO A 345 -25.65 -3.93 -14.29
N HIS A 346 -25.56 -2.86 -15.09
CA HIS A 346 -24.64 -2.88 -16.23
C HIS A 346 -23.44 -1.99 -15.94
N ILE A 347 -23.40 -1.47 -14.71
CA ILE A 347 -22.32 -0.62 -14.25
C ILE A 347 -21.65 -1.28 -13.04
N TYR A 348 -20.32 -1.27 -13.02
CA TYR A 348 -19.59 -1.89 -11.93
C TYR A 348 -18.51 -0.99 -11.35
N ALA A 349 -17.89 -1.42 -10.26
CA ALA A 349 -16.82 -0.65 -9.62
C ALA A 349 -15.69 -1.56 -9.14
N ILE A 350 -14.46 -1.07 -9.23
CA ILE A 350 -13.31 -1.87 -8.83
C ILE A 350 -12.17 -1.09 -8.18
N GLY A 351 -11.53 -1.71 -7.19
CA GLY A 351 -10.41 -1.09 -6.50
C GLY A 351 -10.71 -0.18 -5.31
N ASP A 352 -9.87 0.83 -5.14
CA ASP A 352 -10.01 1.81 -4.06
C ASP A 352 -11.39 2.46 -4.13
N VAL A 353 -12.06 2.32 -5.27
CA VAL A 353 -13.37 2.92 -5.48
C VAL A 353 -14.51 2.16 -4.81
N ALA A 354 -14.56 0.86 -5.03
CA ALA A 354 -15.61 0.01 -4.47
C ALA A 354 -15.47 -0.22 -2.97
N GLU A 355 -16.53 0.09 -2.24
CA GLU A 355 -16.60 -0.03 -0.79
C GLU A 355 -16.67 -1.48 -0.34
N GLY A 356 -15.92 -1.79 0.71
CA GLY A 356 -15.91 -3.14 1.25
C GLY A 356 -14.72 -3.95 0.80
N ARG A 357 -14.08 -3.48 -0.25
CA ARG A 357 -12.92 -4.16 -0.82
C ARG A 357 -11.61 -3.63 -0.27
N PRO A 358 -10.60 -4.52 -0.16
CA PRO A 358 -9.27 -4.18 0.33
C PRO A 358 -8.51 -3.29 -0.67
N GLU A 359 -8.05 -2.14 -0.20
CA GLU A 359 -7.32 -1.20 -1.04
C GLU A 359 -5.91 -1.64 -1.41
N LEU A 360 -5.78 -2.71 -2.19
CA LEU A 360 -4.47 -3.18 -2.63
C LEU A 360 -4.44 -3.10 -4.15
N THR A 361 -3.40 -3.67 -4.76
CA THR A 361 -3.30 -3.64 -6.22
C THR A 361 -3.65 -4.99 -6.81
N PRO A 362 -3.06 -6.06 -6.27
CA PRO A 362 -3.38 -7.39 -6.80
C PRO A 362 -4.88 -7.56 -6.85
N THR A 363 -5.55 -7.34 -5.72
CA THR A 363 -7.00 -7.47 -5.69
C THR A 363 -7.62 -6.57 -6.73
N ALA A 364 -7.06 -5.38 -6.92
CA ALA A 364 -7.58 -4.45 -7.89
C ALA A 364 -7.52 -5.17 -9.24
N ILE A 365 -6.31 -5.59 -9.60
CA ILE A 365 -6.06 -6.29 -10.87
C ILE A 365 -6.86 -7.58 -11.06
N LYS A 366 -6.77 -8.52 -10.13
CA LYS A 366 -7.50 -9.76 -10.24
C LYS A 366 -8.98 -9.48 -10.40
N ALA A 367 -9.51 -8.63 -9.53
CA ALA A 367 -10.92 -8.25 -9.55
C ALA A 367 -11.32 -7.74 -10.92
N GLY A 368 -10.34 -7.17 -11.63
CA GLY A 368 -10.60 -6.65 -12.96
C GLY A 368 -10.72 -7.78 -13.96
N LYS A 369 -9.72 -8.63 -14.02
CA LYS A 369 -9.74 -9.75 -14.96
C LYS A 369 -11.04 -10.53 -14.81
N LEU A 370 -11.27 -11.08 -13.63
CA LEU A 370 -12.50 -11.86 -13.40
C LEU A 370 -13.74 -11.14 -13.88
N LEU A 371 -13.92 -9.89 -13.46
CA LEU A 371 -15.09 -9.14 -13.90
C LEU A 371 -15.19 -9.19 -15.43
N ALA A 372 -14.09 -8.87 -16.11
CA ALA A 372 -14.07 -8.86 -17.57
C ALA A 372 -14.28 -10.26 -18.18
N GLN A 373 -14.21 -11.29 -17.36
CA GLN A 373 -14.41 -12.65 -17.88
C GLN A 373 -15.82 -13.12 -17.62
N ARG A 374 -16.39 -12.67 -16.51
CA ARG A 374 -17.76 -13.02 -16.17
C ARG A 374 -18.70 -12.34 -17.16
N LEU A 375 -18.28 -11.20 -17.70
CA LEU A 375 -19.10 -10.45 -18.66
C LEU A 375 -19.05 -11.03 -20.06
N PHE A 376 -17.86 -11.08 -20.64
CA PHE A 376 -17.73 -11.60 -22.00
C PHE A 376 -16.84 -12.84 -22.10
N GLY A 377 -16.87 -13.70 -21.09
CA GLY A 377 -16.05 -14.89 -21.13
C GLY A 377 -16.78 -16.15 -20.71
N LYS A 378 -18.01 -15.98 -20.25
CA LYS A 378 -18.84 -17.08 -19.79
C LYS A 378 -18.35 -17.66 -18.46
N SER A 379 -17.65 -16.82 -17.70
CA SER A 379 -17.10 -17.20 -16.40
C SER A 379 -18.09 -16.89 -15.28
N SER A 380 -18.09 -17.71 -14.24
CA SER A 380 -18.98 -17.49 -13.12
C SER A 380 -18.19 -17.26 -11.83
N THR A 381 -16.93 -17.71 -11.80
CA THR A 381 -16.07 -17.54 -10.62
C THR A 381 -16.00 -16.06 -10.23
N LEU A 382 -16.27 -15.78 -8.95
CA LEU A 382 -16.23 -14.41 -8.46
C LEU A 382 -14.86 -14.10 -7.85
N MET A 383 -14.70 -12.91 -7.29
CA MET A 383 -13.43 -12.53 -6.68
C MET A 383 -13.42 -12.89 -5.18
N ASP A 384 -12.44 -13.68 -4.78
CA ASP A 384 -12.27 -14.13 -3.40
C ASP A 384 -11.42 -13.12 -2.65
N TYR A 385 -12.03 -12.35 -1.76
CA TYR A 385 -11.27 -11.33 -1.02
C TYR A 385 -10.79 -11.75 0.36
N SER A 386 -10.79 -13.06 0.64
CA SER A 386 -10.37 -13.53 1.96
C SER A 386 -8.91 -13.89 2.03
N ASN A 387 -8.33 -13.72 3.21
CA ASN A 387 -6.93 -14.06 3.41
C ASN A 387 -5.98 -13.47 2.38
N VAL A 388 -6.27 -12.28 1.86
CA VAL A 388 -5.35 -11.68 0.90
C VAL A 388 -4.12 -11.32 1.72
N PRO A 389 -2.92 -11.72 1.26
CA PRO A 389 -1.70 -11.41 1.99
C PRO A 389 -1.34 -9.97 1.75
N THR A 390 -0.36 -9.47 2.50
CA THR A 390 0.07 -8.10 2.29
C THR A 390 1.42 -7.92 2.93
N THR A 391 2.10 -6.82 2.62
CA THR A 391 3.39 -6.61 3.22
C THR A 391 3.65 -5.14 3.41
N VAL A 392 4.00 -4.77 4.64
CA VAL A 392 4.29 -3.38 4.96
C VAL A 392 5.77 -3.23 4.73
N PHE A 393 6.13 -2.58 3.64
CA PHE A 393 7.52 -2.39 3.25
C PHE A 393 8.32 -1.40 4.06
N THR A 394 8.22 -1.52 5.37
CA THR A 394 8.96 -0.64 6.27
C THR A 394 10.42 -1.11 6.35
N PRO A 395 11.28 -0.34 7.06
CA PRO A 395 12.70 -0.71 7.20
C PRO A 395 12.81 -2.19 7.41
N LEU A 396 11.94 -2.73 8.25
CA LEU A 396 11.93 -4.17 8.47
C LEU A 396 10.55 -4.50 7.96
N GLU A 397 10.52 -5.25 6.86
CA GLU A 397 9.27 -5.63 6.18
C GLU A 397 8.34 -6.52 7.02
N TYR A 398 7.09 -6.11 7.18
CA TYR A 398 6.14 -6.90 7.95
C TYR A 398 5.11 -7.57 7.08
N GLY A 399 5.23 -8.89 6.95
CA GLY A 399 4.31 -9.65 6.13
C GLY A 399 3.26 -10.40 6.90
N CYS A 400 2.09 -10.59 6.31
CA CYS A 400 1.01 -11.31 6.98
C CYS A 400 -0.13 -11.74 6.07
N VAL A 401 -0.88 -12.72 6.53
CA VAL A 401 -2.01 -13.28 5.80
C VAL A 401 -2.93 -13.81 6.89
N GLY A 402 -4.21 -13.81 6.61
CA GLY A 402 -5.13 -14.31 7.61
C GLY A 402 -5.37 -13.40 8.79
N LEU A 403 -5.60 -13.99 9.94
CA LEU A 403 -5.91 -13.24 11.14
C LEU A 403 -4.75 -12.83 12.03
N SER A 404 -4.98 -11.80 12.83
CA SER A 404 -4.00 -11.32 13.79
C SER A 404 -4.49 -11.90 15.09
N GLU A 405 -3.58 -12.15 16.04
CA GLU A 405 -3.98 -12.73 17.31
C GLU A 405 -5.31 -12.16 17.77
N GLU A 406 -5.43 -10.84 17.84
CA GLU A 406 -6.68 -10.24 18.29
C GLU A 406 -7.88 -10.70 17.47
N GLU A 407 -7.86 -10.45 16.16
CA GLU A 407 -8.97 -10.84 15.30
C GLU A 407 -9.31 -12.31 15.54
N ALA A 408 -8.30 -13.10 15.90
CA ALA A 408 -8.46 -14.52 16.15
C ALA A 408 -9.26 -14.85 17.41
N VAL A 409 -8.89 -14.30 18.57
CA VAL A 409 -9.65 -14.59 19.77
C VAL A 409 -11.05 -14.01 19.54
N ALA A 410 -11.08 -12.84 18.92
CA ALA A 410 -12.32 -12.15 18.61
C ALA A 410 -13.32 -13.08 17.95
N LEU A 411 -12.85 -13.95 17.06
CA LEU A 411 -13.74 -14.88 16.34
C LEU A 411 -13.94 -16.24 16.97
N HIS A 412 -12.90 -16.84 17.54
CA HIS A 412 -13.04 -18.17 18.12
C HIS A 412 -12.86 -18.22 19.62
N GLY A 413 -12.47 -17.10 20.21
CA GLY A 413 -12.26 -17.06 21.65
C GLY A 413 -10.89 -17.55 22.08
N GLN A 414 -10.28 -16.82 22.99
CA GLN A 414 -8.97 -17.15 23.51
C GLN A 414 -8.85 -18.60 23.96
N GLU A 415 -9.97 -19.21 24.34
CA GLU A 415 -9.95 -20.59 24.81
C GLU A 415 -9.84 -21.60 23.65
N HIS A 416 -10.09 -21.14 22.44
CA HIS A 416 -10.02 -22.01 21.28
C HIS A 416 -8.99 -21.60 20.20
N VAL A 417 -7.97 -20.86 20.62
CA VAL A 417 -6.91 -20.40 19.72
C VAL A 417 -5.54 -20.76 20.27
N GLU A 418 -4.66 -21.21 19.37
CA GLU A 418 -3.31 -21.56 19.75
C GLU A 418 -2.38 -20.67 18.95
N VAL A 419 -1.28 -20.23 19.57
CA VAL A 419 -0.35 -19.36 18.89
C VAL A 419 1.09 -19.79 19.09
N TYR A 420 1.81 -19.97 17.97
CA TYR A 420 3.23 -20.34 18.00
C TYR A 420 4.04 -19.16 17.47
N HIS A 421 5.07 -18.77 18.20
CA HIS A 421 5.87 -17.66 17.74
C HIS A 421 7.36 -17.94 17.88
N ALA A 422 8.18 -17.01 17.39
CA ALA A 422 9.63 -17.15 17.45
C ALA A 422 10.36 -15.85 17.17
N TYR A 423 11.58 -15.77 17.70
CA TYR A 423 12.49 -14.64 17.51
C TYR A 423 13.67 -15.31 16.82
N TYR A 424 13.97 -14.95 15.58
CA TYR A 424 15.09 -15.57 14.85
C TYR A 424 16.17 -14.55 14.55
N LYS A 425 17.28 -15.03 14.00
CA LYS A 425 18.38 -14.16 13.63
C LYS A 425 18.85 -14.56 12.23
N PRO A 426 18.50 -13.76 11.20
CA PRO A 426 18.90 -14.02 9.81
C PRO A 426 20.38 -14.35 9.79
N LEU A 427 20.78 -15.38 9.07
CA LEU A 427 22.19 -15.71 9.03
C LEU A 427 22.99 -14.51 8.52
N GLU A 428 22.39 -13.79 7.58
CA GLU A 428 23.00 -12.61 6.98
C GLU A 428 23.19 -11.46 7.99
N PHE A 429 22.33 -11.41 9.01
CA PHE A 429 22.38 -10.39 10.06
C PHE A 429 23.49 -10.67 11.04
N THR A 430 24.04 -11.87 10.99
CA THR A 430 25.11 -12.22 11.93
C THR A 430 26.47 -11.61 11.59
N VAL A 431 27.09 -12.02 10.48
CA VAL A 431 28.40 -11.47 10.14
C VAL A 431 28.36 -9.94 10.13
N ALA A 432 27.31 -9.38 9.57
CA ALA A 432 27.17 -7.94 9.60
C ALA A 432 26.62 -7.78 11.02
N ASP A 433 27.11 -6.82 11.81
CA ASP A 433 26.58 -6.71 13.16
C ASP A 433 25.23 -5.99 13.19
N ARG A 434 24.31 -6.47 12.38
CA ARG A 434 22.98 -5.90 12.26
C ARG A 434 22.05 -6.53 13.30
N ASP A 435 21.60 -5.69 14.24
CA ASP A 435 20.70 -6.12 15.33
C ASP A 435 19.41 -6.73 14.83
N ALA A 436 19.02 -7.86 15.41
CA ALA A 436 17.81 -8.55 15.00
C ALA A 436 16.80 -8.81 16.11
N SER A 437 16.78 -7.95 17.12
CA SER A 437 15.84 -8.11 18.22
C SER A 437 14.41 -7.83 17.74
N GLN A 438 14.30 -7.39 16.49
CA GLN A 438 13.01 -7.06 15.91
C GLN A 438 12.48 -8.14 14.99
N CYS A 439 13.34 -9.11 14.67
CA CYS A 439 12.96 -10.22 13.80
C CYS A 439 12.06 -11.20 14.52
N TYR A 440 10.75 -10.99 14.43
CA TYR A 440 9.79 -11.84 15.11
C TYR A 440 8.92 -12.61 14.11
N ILE A 441 8.25 -13.65 14.59
CA ILE A 441 7.36 -14.44 13.74
C ILE A 441 6.23 -14.96 14.59
N LYS A 442 5.00 -14.83 14.09
CA LYS A 442 3.83 -15.30 14.83
C LYS A 442 2.81 -16.05 13.97
N MET A 443 2.56 -17.32 14.30
CA MET A 443 1.60 -18.15 13.58
C MET A 443 0.29 -18.47 14.33
N VAL A 444 -0.76 -17.73 14.03
CA VAL A 444 -2.03 -17.96 14.70
C VAL A 444 -2.91 -19.03 14.05
N CYS A 445 -3.29 -20.04 14.85
CA CYS A 445 -4.16 -21.12 14.42
C CYS A 445 -5.08 -21.58 15.57
N MET A 446 -5.97 -22.54 15.32
CA MET A 446 -6.87 -23.01 16.36
C MET A 446 -6.26 -24.04 17.32
N ARG A 447 -6.67 -24.00 18.58
CA ARG A 447 -6.15 -24.89 19.61
C ARG A 447 -6.48 -26.38 19.39
N GLU A 448 -7.54 -26.66 18.65
CA GLU A 448 -7.96 -28.04 18.41
C GLU A 448 -7.48 -28.65 17.09
N PRO A 449 -6.69 -29.75 17.19
CA PRO A 449 -6.14 -30.46 16.02
C PRO A 449 -7.12 -30.61 14.86
N PRO A 450 -6.61 -30.70 13.62
CA PRO A 450 -5.17 -30.67 13.31
C PRO A 450 -4.59 -29.32 13.62
N GLN A 451 -5.46 -28.36 13.91
CA GLN A 451 -5.07 -26.98 14.23
C GLN A 451 -4.87 -26.19 12.96
N LEU A 452 -5.98 -25.87 12.30
CA LEU A 452 -5.94 -25.11 11.07
C LEU A 452 -5.30 -23.76 11.32
N VAL A 453 -4.25 -23.46 10.58
CA VAL A 453 -3.56 -22.19 10.68
C VAL A 453 -4.48 -21.17 10.02
N LEU A 454 -4.70 -20.04 10.69
CA LEU A 454 -5.56 -19.03 10.12
C LEU A 454 -5.02 -17.60 10.18
N GLY A 455 -3.71 -17.49 10.27
CA GLY A 455 -3.05 -16.19 10.29
C GLY A 455 -1.56 -16.33 10.49
N LEU A 456 -0.74 -15.80 9.59
CA LEU A 456 0.71 -15.88 9.74
C LEU A 456 1.30 -14.49 9.77
N HIS A 457 2.32 -14.29 10.60
CA HIS A 457 2.96 -12.98 10.74
C HIS A 457 4.46 -13.13 10.72
N PHE A 458 5.07 -12.50 9.72
CA PHE A 458 6.50 -12.56 9.54
C PHE A 458 7.04 -11.14 9.54
N LEU A 459 8.06 -10.92 10.35
CA LEU A 459 8.69 -9.61 10.43
C LEU A 459 10.20 -9.78 10.36
N GLY A 460 10.74 -9.52 9.18
CA GLY A 460 12.17 -9.63 8.95
C GLY A 460 12.39 -9.18 7.53
N PRO A 461 13.44 -9.68 6.86
CA PRO A 461 13.83 -9.37 5.47
C PRO A 461 12.96 -10.01 4.39
N ASN A 462 12.59 -9.23 3.38
CA ASN A 462 11.78 -9.75 2.27
C ASN A 462 10.52 -10.48 2.79
N ALA A 463 9.70 -9.78 3.56
CA ALA A 463 8.48 -10.35 4.11
C ALA A 463 7.56 -10.94 3.04
N GLY A 464 7.25 -10.15 2.02
CA GLY A 464 6.37 -10.60 0.94
C GLY A 464 6.91 -11.85 0.28
N GLU A 465 8.20 -11.83 -0.04
CA GLU A 465 8.84 -12.98 -0.63
C GLU A 465 8.57 -14.24 0.21
N VAL A 466 8.53 -14.07 1.52
CA VAL A 466 8.29 -15.19 2.42
C VAL A 466 6.81 -15.51 2.62
N THR A 467 6.04 -14.47 2.86
CA THR A 467 4.63 -14.60 3.11
C THR A 467 3.85 -15.20 1.95
N GLN A 468 4.18 -14.79 0.74
CA GLN A 468 3.45 -15.25 -0.43
C GLN A 468 3.18 -16.73 -0.46
N GLY A 469 4.24 -17.53 -0.43
CA GLY A 469 4.06 -18.97 -0.44
C GLY A 469 3.03 -19.40 0.57
N PHE A 470 3.24 -19.01 1.81
CA PHE A 470 2.34 -19.36 2.88
C PHE A 470 0.88 -18.96 2.69
N ALA A 471 0.63 -17.83 2.02
CA ALA A 471 -0.75 -17.43 1.81
C ALA A 471 -1.48 -18.54 1.04
N LEU A 472 -0.70 -19.43 0.44
CA LEU A 472 -1.27 -20.53 -0.33
C LEU A 472 -1.71 -21.60 0.65
N GLY A 473 -0.97 -21.71 1.73
CA GLY A 473 -1.31 -22.70 2.72
C GLY A 473 -2.65 -22.34 3.32
N ILE A 474 -2.93 -21.05 3.38
CA ILE A 474 -4.18 -20.58 3.96
C ILE A 474 -5.33 -20.88 3.02
N LYS A 475 -5.18 -20.51 1.75
CA LYS A 475 -6.24 -20.74 0.78
C LYS A 475 -6.59 -22.22 0.82
N CYS A 476 -5.62 -23.02 1.23
CA CYS A 476 -5.78 -24.45 1.30
C CYS A 476 -6.21 -24.95 2.68
N GLY A 477 -6.04 -24.12 3.69
CA GLY A 477 -6.41 -24.50 5.04
C GLY A 477 -5.35 -25.37 5.71
N ALA A 478 -4.08 -25.17 5.36
CA ALA A 478 -2.99 -25.95 5.92
C ALA A 478 -3.11 -26.00 7.43
N SER A 479 -2.76 -27.15 7.99
CA SER A 479 -2.85 -27.36 9.44
C SER A 479 -1.47 -27.26 10.07
N TYR A 480 -1.44 -26.90 11.37
CA TYR A 480 -0.18 -26.79 12.08
C TYR A 480 0.60 -28.09 11.95
N ALA A 481 -0.11 -29.18 11.67
CA ALA A 481 0.50 -30.47 11.48
C ALA A 481 1.35 -30.40 10.21
N GLN A 482 0.69 -30.07 9.10
CA GLN A 482 1.33 -29.95 7.81
C GLN A 482 2.50 -28.97 7.85
N VAL A 483 2.65 -28.27 8.97
CA VAL A 483 3.76 -27.36 9.11
C VAL A 483 4.89 -28.13 9.79
N MET A 484 4.54 -28.94 10.78
CA MET A 484 5.52 -29.75 11.48
C MET A 484 5.92 -30.87 10.53
N GLN A 485 5.11 -31.06 9.49
CA GLN A 485 5.37 -32.09 8.48
C GLN A 485 6.16 -31.49 7.33
N THR A 486 6.11 -30.17 7.21
CA THR A 486 6.84 -29.49 6.15
C THR A 486 8.28 -29.33 6.58
N VAL A 487 9.19 -29.78 5.74
CA VAL A 487 10.61 -29.70 6.05
C VAL A 487 11.11 -28.31 5.73
N GLY A 488 12.32 -28.00 6.17
CA GLY A 488 12.82 -26.67 5.92
C GLY A 488 13.89 -26.52 4.86
N ILE A 489 14.03 -25.29 4.37
CA ILE A 489 15.05 -24.97 3.39
C ILE A 489 16.08 -24.19 4.20
N HIS A 490 17.13 -24.89 4.60
CA HIS A 490 18.17 -24.29 5.40
C HIS A 490 19.32 -23.91 4.49
N PRO A 491 19.95 -22.75 4.72
CA PRO A 491 19.63 -21.80 5.79
C PRO A 491 18.83 -20.63 5.22
N THR A 492 17.62 -20.42 5.74
CA THR A 492 16.77 -19.35 5.27
C THR A 492 16.07 -18.67 6.43
N CYS A 493 15.30 -17.64 6.11
CA CYS A 493 14.57 -16.91 7.12
C CYS A 493 13.18 -17.48 7.18
N SER A 494 12.64 -17.83 6.01
CA SER A 494 11.32 -18.39 5.95
C SER A 494 11.25 -19.73 6.65
N GLU A 495 12.36 -20.48 6.62
CA GLU A 495 12.36 -21.78 7.26
C GLU A 495 11.92 -21.64 8.71
N GLU A 496 12.28 -20.54 9.37
CA GLU A 496 11.90 -20.33 10.77
C GLU A 496 10.40 -20.53 10.97
N VAL A 497 9.61 -20.12 10.00
CA VAL A 497 8.18 -20.29 10.12
C VAL A 497 7.92 -21.79 10.36
N VAL A 498 8.37 -22.62 9.43
CA VAL A 498 8.16 -24.06 9.52
C VAL A 498 8.88 -24.76 10.72
N LYS A 499 9.42 -23.97 11.63
CA LYS A 499 10.10 -24.54 12.80
C LYS A 499 9.27 -24.25 14.02
N LEU A 500 8.54 -23.15 13.96
CA LEU A 500 7.69 -22.70 15.05
C LEU A 500 7.10 -23.83 15.88
N HIS A 501 7.32 -23.75 17.19
CA HIS A 501 6.76 -24.73 18.13
C HIS A 501 6.39 -24.13 19.48
N ILE A 502 7.19 -23.17 19.98
CA ILE A 502 6.88 -22.56 21.26
C ILE A 502 5.54 -21.86 21.25
N SER A 503 4.66 -22.33 22.13
CA SER A 503 3.32 -21.78 22.24
C SER A 503 3.27 -20.66 23.26
N LYS A 504 2.24 -19.84 23.16
CA LYS A 504 2.05 -18.77 24.11
C LYS A 504 1.33 -19.41 25.31
N ARG A 505 0.50 -20.43 25.05
CA ARG A 505 -0.20 -21.11 26.14
C ARG A 505 0.88 -21.49 27.11
N SER A 506 1.88 -22.22 26.59
CA SER A 506 3.00 -22.68 27.40
C SER A 506 3.83 -21.53 27.97
N GLY A 507 3.73 -20.36 27.35
CA GLY A 507 4.47 -19.21 27.81
C GLY A 507 5.96 -19.42 27.95
N LEU A 508 6.56 -20.20 27.05
CA LEU A 508 7.99 -20.45 27.10
C LEU A 508 8.72 -19.33 26.39
N GLU A 509 9.99 -19.15 26.70
CA GLU A 509 10.81 -18.10 26.08
C GLU A 509 10.84 -18.25 24.57
N PRO A 510 10.38 -17.22 23.83
CA PRO A 510 10.36 -17.27 22.36
C PRO A 510 11.71 -17.39 21.64
N THR A 511 12.71 -16.60 22.01
CA THR A 511 14.02 -16.67 21.32
C THR A 511 14.45 -18.13 21.02
N VAL A 512 14.86 -18.38 19.78
CA VAL A 512 15.27 -19.70 19.29
C VAL A 512 16.73 -20.11 19.52
N THR A 513 16.94 -21.37 19.88
CA THR A 513 18.28 -21.93 20.12
C THR A 513 18.73 -22.85 18.97
N GLY A 514 19.78 -23.61 19.22
CA GLY A 514 20.32 -24.51 18.22
C GLY A 514 20.79 -23.73 17.00
#